data_3FN0
#
_entry.id   3FN0
#
_cell.length_a   106.940
_cell.length_b   106.940
_cell.length_c   88.830
_cell.angle_alpha   90.00
_cell.angle_beta   90.00
_cell.angle_gamma   90.00
#
_symmetry.space_group_name_H-M   'P 41 21 2'
#
loop_
_entity.id
_entity.type
_entity.pdbx_description
1 polymer 'Fab Z13e1'
2 polymer 'Fab Z13e1'
3 polymer 'Envelope polyprotein gp160'
4 water water
#
loop_
_entity_poly.entity_id
_entity_poly.type
_entity_poly.pdbx_seq_one_letter_code
_entity_poly.pdbx_strand_id
1 'polypeptide(L)'
;ELTQSPATLSLSPGERATLSCRASQSVGRNLGWYQQKPGQAPRLLIYDASNRATGIPARFSGSGSGTDFTLTISSLEPED
FAVYYCQARLLLPQTFGQGTKVEIKRTVAAPSVFIFPPSDEQLKSGTASVVCLLNNFYPREAKVQWKVDNALQSGNSQES
VTEQDSKDSTYSLSSTLTLSKADYEKHKVYACEVTHQGLSSPVTKSFNRGEC
;
L
2 'polypeptide(L)'
;SEVQLLESGPGLLKPSETLSLTCTVSGGSMINYYWSWIRQPPGERPQWLGHIIYGGTTKYNPSLESRITISRDISKNQFS
LRLNSVTAADTAIYYCARVAIGVSGFLNYYYYMDVWGSGTAVTVSSASTKGPSVFPLAPSSKSTSGGTAALGCLVKDYFP
EPVTVSWNSGALTSGVHTFPAVLQSSGLYSLSSVVTVPSSSLGTQTYICNVNHKPSNTKVDKKVEPKSCDK
;
H
3 'polypeptide(L)' WNWFDITNK P
#
# COMPACT_ATOMS: atom_id res chain seq x y z
N GLU A 1 -18.31 14.01 9.04
CA GLU A 1 -17.04 13.41 8.67
C GLU A 1 -16.12 14.45 8.00
N LEU A 2 -14.89 14.03 7.69
CA LEU A 2 -13.87 14.90 7.08
C LEU A 2 -13.79 14.71 5.60
N THR A 3 -13.72 15.82 4.89
CA THR A 3 -13.64 15.74 3.43
C THR A 3 -12.34 16.35 2.98
N GLN A 4 -11.46 15.55 2.41
CA GLN A 4 -10.22 16.07 1.82
C GLN A 4 -10.29 16.26 0.34
N SER A 5 -9.72 17.37 -0.12
CA SER A 5 -9.76 17.64 -1.54
C SER A 5 -8.53 18.47 -1.82
N PRO A 6 -7.96 18.32 -3.03
CA PRO A 6 -8.38 17.31 -4.01
C PRO A 6 -7.79 15.98 -3.59
N ALA A 7 -8.12 14.90 -4.30
CA ALA A 7 -7.54 13.59 -3.97
C ALA A 7 -6.06 13.53 -4.28
N THR A 8 -5.64 14.22 -5.34
CA THR A 8 -4.24 14.18 -5.78
C THR A 8 -3.77 15.56 -6.13
N LEU A 9 -2.53 15.89 -5.80
CA LEU A 9 -1.97 17.20 -6.18
C LEU A 9 -0.78 16.80 -7.01
N SER A 10 -0.62 17.38 -8.20
CA SER A 10 0.57 16.97 -8.95
C SER A 10 1.40 18.23 -9.05
N LEU A 11 2.60 18.25 -8.43
CA LEU A 11 3.39 19.49 -8.30
C LEU A 11 4.87 19.20 -8.50
N SER A 12 5.68 20.21 -8.78
CA SER A 12 7.12 20.05 -8.85
C SER A 12 7.86 20.31 -7.53
N PRO A 13 8.98 19.56 -7.31
CA PRO A 13 9.83 19.82 -6.15
C PRO A 13 10.14 21.29 -6.25
N GLY A 14 9.94 22.03 -5.18
CA GLY A 14 10.02 23.46 -5.23
C GLY A 14 8.74 24.27 -5.11
N GLU A 15 7.62 23.76 -5.58
CA GLU A 15 6.38 24.53 -5.58
C GLU A 15 5.67 24.42 -4.26
N ARG A 16 4.66 25.27 -4.08
CA ARG A 16 3.83 25.31 -2.90
C ARG A 16 2.63 24.36 -2.99
N ALA A 17 2.42 23.58 -1.95
CA ALA A 17 1.32 22.64 -1.96
C ALA A 17 0.28 23.14 -0.99
N THR A 18 -0.97 23.19 -1.42
CA THR A 18 -2.05 23.55 -0.53
C THR A 18 -3.15 22.51 -0.40
N LEU A 19 -3.29 21.98 0.81
CA LEU A 19 -4.21 20.86 1.02
C LEU A 19 -5.39 21.27 1.91
N SER A 20 -6.60 20.87 1.52
CA SER A 20 -7.82 21.24 2.21
C SER A 20 -8.42 20.08 2.98
N CYS A 21 -9.03 20.39 4.13
CA CYS A 21 -9.79 19.44 4.91
C CYS A 21 -10.98 20.20 5.50
N ARG A 22 -12.18 19.75 5.19
CA ARG A 22 -13.38 20.34 5.74
C ARG A 22 -14.08 19.34 6.65
N ALA A 23 -14.39 19.77 7.87
CA ALA A 23 -15.14 18.97 8.81
C ALA A 23 -16.60 19.35 8.69
N SER A 24 -17.46 18.33 8.74
CA SER A 24 -18.91 18.50 8.62
C SER A 24 -19.50 19.35 9.75
N GLN A 25 -19.01 19.10 10.96
CA GLN A 25 -19.41 19.84 12.15
C GLN A 25 -18.15 20.39 12.81
N SER A 26 -18.26 21.49 13.52
CA SER A 26 -17.07 22.17 13.99
C SER A 26 -16.22 21.38 14.97
N VAL A 27 -14.91 21.53 14.87
CA VAL A 27 -13.98 20.85 15.80
C VAL A 27 -13.00 21.82 16.48
N GLY A 28 -13.30 23.11 16.48
CA GLY A 28 -12.42 24.09 17.11
C GLY A 28 -11.07 24.18 16.39
N ARG A 29 -9.98 24.24 17.13
CA ARG A 29 -8.66 24.17 16.52
C ARG A 29 -8.06 22.75 16.63
N ASN A 30 -8.90 21.80 16.99
CA ASN A 30 -8.46 20.43 17.37
C ASN A 30 -8.33 19.45 16.18
N LEU A 31 -7.83 19.94 15.05
CA LEU A 31 -7.60 19.06 13.93
C LEU A 31 -6.12 18.77 13.77
N GLY A 32 -5.78 17.53 13.39
CA GLY A 32 -4.41 17.18 13.07
C GLY A 32 -4.17 16.76 11.62
N TRP A 33 -2.95 16.99 11.12
CA TRP A 33 -2.51 16.49 9.80
C TRP A 33 -1.43 15.41 10.02
N TYR A 34 -1.51 14.31 9.26
CA TYR A 34 -0.53 13.23 9.30
C TYR A 34 0.06 12.99 7.91
N GLN A 35 1.32 12.59 7.85
CA GLN A 35 2.04 12.28 6.60
C GLN A 35 2.36 10.78 6.52
N GLN A 36 2.12 10.16 5.38
CA GLN A 36 2.45 8.76 5.26
C GLN A 36 3.23 8.48 4.01
N LYS A 37 4.43 7.94 4.20
CA LYS A 37 5.29 7.56 3.09
C LYS A 37 5.12 6.09 2.82
N PRO A 38 5.27 5.68 1.57
CA PRO A 38 4.83 4.32 1.19
C PRO A 38 5.55 3.25 2.00
N GLY A 39 4.81 2.26 2.50
CA GLY A 39 5.37 1.23 3.36
C GLY A 39 5.89 1.69 4.70
N GLN A 40 5.49 2.88 5.13
CA GLN A 40 5.83 3.37 6.46
C GLN A 40 4.55 3.71 7.20
N ALA A 41 4.60 3.71 8.53
CA ALA A 41 3.47 4.15 9.33
C ALA A 41 3.24 5.66 9.09
N PRO A 42 1.98 6.12 9.23
CA PRO A 42 1.70 7.55 9.28
C PRO A 42 2.50 8.23 10.42
N ARG A 43 2.77 9.50 10.29
CA ARG A 43 3.34 10.25 11.41
C ARG A 43 2.63 11.58 11.59
N LEU A 44 2.58 12.02 12.84
CA LEU A 44 2.02 13.34 13.13
C LEU A 44 2.83 14.48 12.50
N LEU A 45 2.11 15.44 11.93
CA LEU A 45 2.73 16.52 11.16
C LEU A 45 2.39 17.88 11.79
N ILE A 46 1.10 18.10 11.96
CA ILE A 46 0.59 19.33 12.51
C ILE A 46 -0.52 18.92 13.46
N TYR A 47 -0.60 19.57 14.63
CA TYR A 47 -1.67 19.30 15.61
C TYR A 47 -2.23 20.62 16.11
N ASP A 48 -3.48 20.62 16.59
CA ASP A 48 -4.17 21.87 16.94
C ASP A 48 -4.17 22.89 15.80
N ALA A 49 -4.36 22.39 14.59
CA ALA A 49 -4.50 23.23 13.42
C ALA A 49 -3.20 23.81 12.92
N SER A 50 -2.37 24.33 13.81
CA SER A 50 -1.20 25.08 13.38
C SER A 50 0.14 24.72 14.02
N ASN A 51 0.15 23.75 14.94
CA ASN A 51 1.37 23.44 15.68
C ASN A 51 2.23 22.37 15.00
N ARG A 52 3.43 22.73 14.53
CA ARG A 52 4.32 21.68 14.04
C ARG A 52 4.54 20.63 15.13
N ALA A 53 4.48 19.36 14.74
CA ALA A 53 4.79 18.28 15.65
C ALA A 53 6.27 18.36 15.92
N THR A 54 6.73 17.64 16.95
CA THR A 54 8.15 17.68 17.29
C THR A 54 8.98 17.19 16.11
N GLY A 55 9.90 18.02 15.66
CA GLY A 55 10.80 17.62 14.58
C GLY A 55 10.39 18.01 13.17
N ILE A 56 9.10 18.24 12.96
CA ILE A 56 8.60 18.62 11.64
C ILE A 56 9.19 19.93 11.09
N PRO A 57 9.78 19.87 9.88
CA PRO A 57 10.39 20.96 9.12
C PRO A 57 9.54 22.22 9.02
N ALA A 58 10.18 23.37 9.15
CA ALA A 58 9.49 24.64 9.19
C ALA A 58 8.72 24.91 7.89
N ARG A 59 9.03 24.17 6.84
CA ARG A 59 8.28 24.34 5.59
C ARG A 59 6.81 23.88 5.71
N PHE A 60 6.48 23.17 6.77
CA PHE A 60 5.12 22.69 7.03
C PHE A 60 4.35 23.62 7.94
N SER A 61 3.22 24.11 7.46
CA SER A 61 2.34 24.91 8.30
C SER A 61 0.86 24.57 8.16
N GLY A 62 0.07 24.99 9.14
CA GLY A 62 -1.34 24.71 9.17
C GLY A 62 -2.18 25.90 9.59
N SER A 63 -3.36 26.02 8.99
CA SER A 63 -4.30 27.08 9.37
C SER A 63 -5.76 26.63 9.45
N GLY A 64 -6.57 27.48 10.08
CA GLY A 64 -8.00 27.30 10.09
C GLY A 64 -8.57 26.98 11.46
N SER A 65 -9.88 27.01 11.57
CA SER A 65 -10.54 26.65 12.81
C SER A 65 -12.01 26.44 12.54
N GLY A 66 -12.63 25.59 13.34
CA GLY A 66 -14.04 25.30 13.20
C GLY A 66 -14.31 24.23 12.17
N THR A 67 -14.30 24.66 10.91
CA THR A 67 -14.85 23.89 9.80
C THR A 67 -13.87 23.69 8.62
N ASP A 68 -13.07 24.70 8.35
CA ASP A 68 -12.22 24.73 7.17
C ASP A 68 -10.75 24.75 7.59
N PHE A 69 -9.97 23.76 7.19
CA PHE A 69 -8.57 23.71 7.56
C PHE A 69 -7.68 23.54 6.32
N THR A 70 -6.45 24.06 6.41
CA THR A 70 -5.51 24.00 5.30
C THR A 70 -4.14 23.60 5.83
N LEU A 71 -3.49 22.71 5.09
CA LEU A 71 -2.09 22.34 5.30
C LEU A 71 -1.34 22.94 4.14
N THR A 72 -0.29 23.70 4.45
CA THR A 72 0.55 24.32 3.40
C THR A 72 1.95 23.78 3.50
N ILE A 73 2.52 23.45 2.35
CA ILE A 73 3.94 23.13 2.28
C ILE A 73 4.56 24.23 1.42
N SER A 74 5.26 25.17 2.08
CA SER A 74 5.79 26.35 1.39
C SER A 74 6.58 26.03 0.12
N SER A 75 7.43 25.01 0.19
CA SER A 75 8.28 24.69 -0.96
C SER A 75 8.63 23.22 -0.95
N LEU A 76 8.06 22.44 -1.87
CA LEU A 76 8.13 21.01 -1.74
C LEU A 76 9.56 20.51 -1.88
N GLU A 77 9.93 19.54 -1.04
CA GLU A 77 11.16 18.77 -1.17
C GLU A 77 10.88 17.34 -1.67
N PRO A 78 11.89 16.66 -2.25
CA PRO A 78 11.63 15.29 -2.72
C PRO A 78 10.94 14.40 -1.67
N GLU A 79 11.37 14.49 -0.40
CA GLU A 79 10.82 13.62 0.65
C GLU A 79 9.39 13.92 1.07
N ASP A 80 8.79 15.00 0.55
CA ASP A 80 7.44 15.43 0.93
C ASP A 80 6.38 14.86 0.01
N PHE A 81 6.80 14.21 -1.06
CA PHE A 81 5.83 13.57 -1.95
C PHE A 81 5.36 12.29 -1.31
N ALA A 82 4.10 12.31 -0.87
CA ALA A 82 3.55 11.35 0.09
C ALA A 82 2.02 11.54 0.21
N VAL A 83 1.40 10.77 1.11
CA VAL A 83 -0.02 10.94 1.34
C VAL A 83 -0.24 11.69 2.65
N TYR A 84 -1.19 12.61 2.68
CA TYR A 84 -1.45 13.40 3.86
C TYR A 84 -2.89 13.18 4.27
N TYR A 85 -3.08 12.91 5.56
CA TYR A 85 -4.42 12.66 6.13
C TYR A 85 -4.76 13.70 7.17
N CYS A 86 -6.04 14.07 7.25
CA CYS A 86 -6.49 14.84 8.41
C CYS A 86 -7.33 13.96 9.38
N GLN A 87 -7.48 14.44 10.60
CA GLN A 87 -8.09 13.70 11.72
C GLN A 87 -8.45 14.70 12.81
N ALA A 88 -9.69 14.66 13.31
CA ALA A 88 -10.09 15.59 14.39
C ALA A 88 -10.79 14.83 15.50
N ARG A 89 -10.19 14.83 16.67
CA ARG A 89 -10.83 14.17 17.80
C ARG A 89 -11.07 12.73 17.41
N LEU A 90 -12.07 12.17 18.05
CA LEU A 90 -12.32 10.78 17.90
C LEU A 90 -13.68 10.68 17.27
N LEU A 91 -13.79 11.14 16.03
CA LEU A 91 -15.03 11.06 15.28
C LEU A 91 -15.14 9.71 14.59
N LEU A 92 -16.34 9.16 14.55
CA LEU A 92 -16.53 7.84 14.01
C LEU A 92 -17.70 7.98 13.08
N PRO A 93 -17.81 7.09 12.08
CA PRO A 93 -17.04 5.85 11.84
C PRO A 93 -15.62 6.09 11.35
N GLN A 94 -15.39 7.24 10.71
CA GLN A 94 -14.13 7.54 10.03
C GLN A 94 -13.44 8.66 10.75
N THR A 95 -12.43 8.29 11.50
CA THR A 95 -11.68 9.19 12.30
C THR A 95 -10.72 9.98 11.41
N PHE A 96 -10.30 9.35 10.32
CA PHE A 96 -9.35 10.01 9.39
C PHE A 96 -10.06 10.36 8.11
N GLY A 97 -9.63 11.42 7.42
CA GLY A 97 -10.17 11.67 6.10
C GLY A 97 -9.61 10.71 5.04
N GLN A 98 -10.02 10.87 3.79
CA GLN A 98 -9.54 9.92 2.77
C GLN A 98 -8.10 10.07 2.30
N GLY A 99 -7.45 11.18 2.66
CA GLY A 99 -6.07 11.38 2.27
C GLY A 99 -5.94 12.18 0.97
N THR A 100 -4.87 12.96 0.87
CA THR A 100 -4.51 13.63 -0.36
C THR A 100 -3.13 13.14 -0.74
N LYS A 101 -2.93 12.72 -2.00
CA LYS A 101 -1.64 12.20 -2.41
C LYS A 101 -0.94 13.31 -3.16
N VAL A 102 0.32 13.60 -2.81
CA VAL A 102 1.07 14.67 -3.49
C VAL A 102 2.08 13.93 -4.34
N GLU A 103 1.90 14.01 -5.65
CA GLU A 103 2.66 13.25 -6.59
C GLU A 103 3.63 14.22 -7.29
N ILE A 104 4.74 13.72 -7.82
CA ILE A 104 5.64 14.56 -8.63
C ILE A 104 5.05 14.74 -10.00
N LYS A 105 4.86 15.98 -10.40
CA LYS A 105 4.45 16.24 -11.79
C LYS A 105 5.61 16.14 -12.76
N ARG A 106 5.40 15.54 -13.93
CA ARG A 106 6.41 15.50 -14.95
C ARG A 106 5.77 15.64 -16.32
N THR A 107 6.59 15.64 -17.36
CA THR A 107 6.07 15.75 -18.70
C THR A 107 5.35 14.45 -19.04
N VAL A 108 4.37 14.55 -19.93
CA VAL A 108 3.68 13.36 -20.39
C VAL A 108 4.71 12.36 -21.01
N ALA A 109 4.54 11.07 -20.74
CA ALA A 109 5.36 10.02 -21.35
C ALA A 109 4.44 8.86 -21.65
N ALA A 110 4.43 8.40 -22.90
CA ALA A 110 3.57 7.31 -23.29
C ALA A 110 4.15 5.98 -22.81
N PRO A 111 3.28 5.00 -22.59
CA PRO A 111 3.79 3.67 -22.22
C PRO A 111 4.53 3.02 -23.38
N SER A 112 5.61 2.32 -23.06
CA SER A 112 6.22 1.37 -23.98
C SER A 112 5.60 0.00 -23.64
N VAL A 113 5.08 -0.69 -24.64
CA VAL A 113 4.20 -1.87 -24.38
C VAL A 113 4.90 -3.15 -24.86
N PHE A 114 4.80 -4.21 -24.05
CA PHE A 114 5.38 -5.52 -24.35
C PHE A 114 4.37 -6.62 -23.99
N ILE A 115 4.29 -7.66 -24.80
CA ILE A 115 3.42 -8.78 -24.48
C ILE A 115 4.31 -10.04 -24.31
N PHE A 116 3.99 -10.86 -23.32
CA PHE A 116 4.74 -12.08 -23.02
C PHE A 116 3.81 -13.28 -23.02
N PRO A 117 4.08 -14.26 -23.88
CA PRO A 117 3.34 -15.55 -23.89
C PRO A 117 3.66 -16.33 -22.68
N PRO A 118 2.81 -17.31 -22.31
CA PRO A 118 3.13 -18.18 -21.18
C PRO A 118 4.33 -19.02 -21.51
N SER A 119 5.12 -19.37 -20.50
CA SER A 119 6.27 -20.26 -20.70
C SER A 119 5.85 -21.73 -20.82
N ASP A 120 6.62 -22.54 -21.54
CA ASP A 120 6.34 -23.96 -21.59
C ASP A 120 6.32 -24.57 -20.19
N GLU A 121 7.12 -23.98 -19.30
CA GLU A 121 7.15 -24.49 -17.94
C GLU A 121 5.78 -24.40 -17.28
N GLN A 122 5.15 -23.25 -17.42
CA GLN A 122 3.86 -23.06 -16.76
C GLN A 122 2.80 -23.89 -17.45
N LEU A 123 2.88 -23.95 -18.78
CA LEU A 123 1.89 -24.68 -19.55
C LEU A 123 1.89 -26.16 -19.13
N LYS A 124 3.06 -26.71 -18.89
CA LYS A 124 3.22 -28.09 -18.42
C LYS A 124 2.31 -28.35 -17.22
N SER A 125 2.21 -27.34 -16.35
CA SER A 125 1.43 -27.42 -15.11
C SER A 125 -0.06 -27.23 -15.33
N GLY A 126 -0.45 -26.88 -16.55
CA GLY A 126 -1.87 -26.87 -16.92
C GLY A 126 -2.51 -25.49 -16.97
N THR A 127 -1.70 -24.44 -16.86
CA THR A 127 -2.21 -23.06 -16.82
C THR A 127 -1.40 -22.15 -17.72
N ALA A 128 -2.04 -21.13 -18.26
CA ALA A 128 -1.33 -20.16 -19.09
C ALA A 128 -1.59 -18.76 -18.54
N SER A 129 -0.51 -18.08 -18.14
CA SER A 129 -0.61 -16.66 -17.83
C SER A 129 0.02 -15.84 -18.96
N VAL A 130 -0.73 -14.86 -19.49
CA VAL A 130 -0.23 -14.02 -20.58
C VAL A 130 -0.06 -12.65 -19.98
N VAL A 131 1.14 -12.07 -20.10
CA VAL A 131 1.39 -10.80 -19.39
C VAL A 131 1.59 -9.65 -20.38
N CYS A 132 0.92 -8.53 -20.12
CA CYS A 132 1.10 -7.30 -20.89
C CYS A 132 1.76 -6.30 -19.96
N LEU A 133 2.86 -5.71 -20.40
CA LEU A 133 3.58 -4.65 -19.62
C LEU A 133 3.47 -3.30 -20.31
N LEU A 134 2.98 -2.30 -19.58
CA LEU A 134 2.98 -0.87 -19.97
C LEU A 134 4.06 -0.19 -19.14
N ASN A 135 5.13 0.25 -19.78
CA ASN A 135 6.29 0.61 -19.02
C ASN A 135 6.57 2.08 -19.05
N ASN A 136 6.84 2.67 -17.88
CA ASN A 136 7.35 4.04 -17.83
C ASN A 136 6.52 5.12 -18.49
N PHE A 137 5.31 5.29 -17.98
CA PHE A 137 4.38 6.29 -18.50
C PHE A 137 3.96 7.35 -17.46
N TYR A 138 3.44 8.48 -17.94
CA TYR A 138 2.91 9.51 -17.04
C TYR A 138 1.91 10.33 -17.85
N PRO A 139 0.71 10.66 -17.30
CA PRO A 139 0.25 10.45 -15.92
C PRO A 139 -0.24 9.00 -15.68
N ARG A 140 -0.74 8.74 -14.48
CA ARG A 140 -0.95 7.35 -14.11
C ARG A 140 -2.12 6.66 -14.87
N GLU A 141 -3.10 7.46 -15.31
CA GLU A 141 -4.34 6.92 -15.87
C GLU A 141 -3.96 6.26 -17.17
N ALA A 142 -4.40 5.02 -17.34
CA ALA A 142 -4.07 4.25 -18.55
C ALA A 142 -5.14 3.20 -18.69
N LYS A 143 -5.50 2.84 -19.92
CA LYS A 143 -6.47 1.76 -20.09
C LYS A 143 -5.84 0.57 -20.82
N VAL A 144 -6.09 -0.65 -20.36
CA VAL A 144 -5.60 -1.81 -21.07
C VAL A 144 -6.75 -2.79 -21.33
N GLN A 145 -6.83 -3.32 -22.55
CA GLN A 145 -7.88 -4.28 -22.88
C GLN A 145 -7.30 -5.49 -23.59
N TRP A 146 -7.81 -6.68 -23.28
CA TRP A 146 -7.32 -7.88 -23.92
C TRP A 146 -8.29 -8.29 -25.04
N LYS A 147 -7.74 -8.82 -26.12
CA LYS A 147 -8.52 -9.39 -27.19
C LYS A 147 -7.93 -10.76 -27.57
N VAL A 148 -8.80 -11.74 -27.75
CA VAL A 148 -8.32 -13.08 -28.05
C VAL A 148 -9.01 -13.54 -29.35
N ASP A 149 -8.24 -13.87 -30.38
CA ASP A 149 -8.76 -13.95 -31.74
C ASP A 149 -9.77 -12.81 -32.03
N ASN A 150 -9.42 -11.59 -31.62
CA ASN A 150 -10.23 -10.38 -31.83
C ASN A 150 -11.43 -10.21 -30.91
N ALA A 151 -11.71 -11.17 -30.05
CA ALA A 151 -12.84 -11.02 -29.14
C ALA A 151 -12.39 -10.31 -27.88
N LEU A 152 -13.09 -9.24 -27.52
CA LEU A 152 -12.82 -8.48 -26.30
C LEU A 152 -13.02 -9.37 -25.07
N GLN A 153 -12.05 -9.33 -24.16
CA GLN A 153 -12.12 -10.13 -22.92
C GLN A 153 -12.58 -9.30 -21.76
N SER A 154 -13.17 -9.96 -20.78
CA SER A 154 -13.47 -9.31 -19.52
C SER A 154 -13.59 -10.34 -18.44
N GLY A 155 -13.03 -9.99 -17.28
CA GLY A 155 -13.13 -10.82 -16.12
C GLY A 155 -12.00 -11.82 -15.93
N ASN A 156 -11.10 -11.98 -16.91
CA ASN A 156 -10.06 -13.04 -16.77
C ASN A 156 -8.66 -12.47 -16.68
N SER A 157 -8.62 -11.21 -16.27
CA SER A 157 -7.34 -10.49 -16.10
C SER A 157 -7.30 -9.67 -14.81
N GLN A 158 -6.07 -9.41 -14.37
CA GLN A 158 -5.84 -8.63 -13.18
C GLN A 158 -4.63 -7.67 -13.50
N GLU A 159 -4.73 -6.47 -13.02
CA GLU A 159 -3.61 -5.52 -13.21
C GLU A 159 -3.02 -5.02 -11.89
N SER A 160 -1.81 -4.48 -11.96
CA SER A 160 -1.11 -3.94 -10.80
C SER A 160 -0.26 -2.77 -11.31
N VAL A 161 -0.07 -1.73 -10.49
CA VAL A 161 0.63 -0.51 -10.90
C VAL A 161 1.65 -0.22 -9.88
N THR A 162 2.84 0.13 -10.33
CA THR A 162 3.89 0.56 -9.42
C THR A 162 3.63 1.94 -8.83
N GLU A 163 4.34 2.26 -7.75
CA GLU A 163 4.40 3.66 -7.26
C GLU A 163 5.33 4.45 -8.22
N GLN A 164 5.22 5.76 -8.17
CA GLN A 164 6.12 6.57 -9.00
C GLN A 164 7.56 6.26 -8.84
N ASP A 165 8.25 6.16 -9.97
CA ASP A 165 9.63 5.70 -9.99
C ASP A 165 10.50 6.80 -9.35
N SER A 166 11.51 6.42 -8.59
CA SER A 166 12.28 7.39 -7.80
C SER A 166 13.11 8.30 -8.68
N LYS A 167 13.67 7.76 -9.78
CA LYS A 167 14.49 8.54 -10.71
C LYS A 167 13.65 9.30 -11.73
N ASP A 168 12.71 8.61 -12.43
CA ASP A 168 12.04 9.26 -13.57
C ASP A 168 10.57 9.62 -13.37
N SER A 169 10.05 9.36 -12.17
CA SER A 169 8.72 9.79 -11.74
C SER A 169 7.62 9.24 -12.68
N THR A 170 7.89 8.12 -13.39
CA THR A 170 6.87 7.52 -14.20
C THR A 170 6.21 6.33 -13.41
N TYR A 171 5.17 5.75 -14.00
CA TYR A 171 4.50 4.55 -13.48
C TYR A 171 4.67 3.42 -14.49
N SER A 172 4.49 2.17 -14.04
CA SER A 172 4.42 1.06 -14.99
C SER A 172 3.26 0.16 -14.53
N LEU A 173 2.71 -0.64 -15.45
CA LEU A 173 1.50 -1.42 -15.11
C LEU A 173 1.62 -2.78 -15.77
N SER A 174 1.21 -3.84 -15.07
CA SER A 174 1.20 -5.18 -15.65
C SER A 174 -0.25 -5.57 -15.72
N SER A 175 -0.60 -6.26 -16.78
CA SER A 175 -1.92 -6.92 -16.84
C SER A 175 -1.69 -8.39 -17.14
N THR A 176 -2.34 -9.28 -16.38
CA THR A 176 -2.07 -10.67 -16.56
C THR A 176 -3.41 -11.33 -16.90
N LEU A 177 -3.45 -12.00 -18.03
CA LEU A 177 -4.66 -12.72 -18.45
C LEU A 177 -4.42 -14.19 -18.13
N THR A 178 -5.33 -14.85 -17.43
CA THR A 178 -5.06 -16.22 -17.03
C THR A 178 -6.11 -17.13 -17.54
N LEU A 179 -5.67 -18.24 -18.06
CA LEU A 179 -6.62 -19.28 -18.39
C LEU A 179 -6.00 -20.66 -18.43
N SER A 180 -6.87 -21.65 -18.52
CA SER A 180 -6.43 -23.02 -18.45
C SER A 180 -5.63 -23.31 -19.73
N LYS A 181 -4.78 -24.31 -19.66
CA LYS A 181 -4.06 -24.75 -20.85
C LYS A 181 -5.05 -25.12 -21.95
N ALA A 182 -6.10 -25.86 -21.59
CA ALA A 182 -7.03 -26.30 -22.63
C ALA A 182 -7.68 -25.08 -23.30
N ASP A 183 -8.09 -24.10 -22.49
CA ASP A 183 -8.65 -22.86 -23.02
C ASP A 183 -7.66 -22.12 -23.89
N TYR A 184 -6.43 -22.06 -23.44
CA TYR A 184 -5.39 -21.39 -24.21
C TYR A 184 -5.17 -22.04 -25.58
N GLU A 185 -5.16 -23.36 -25.60
CA GLU A 185 -4.96 -24.12 -26.83
C GLU A 185 -6.10 -23.99 -27.85
N LYS A 186 -7.22 -23.37 -27.48
CA LYS A 186 -8.26 -23.29 -28.51
C LYS A 186 -8.33 -21.95 -29.23
N HIS A 187 -7.35 -21.07 -28.96
CA HIS A 187 -7.25 -19.80 -29.65
C HIS A 187 -5.82 -19.55 -30.16
N LYS A 188 -5.71 -18.63 -31.11
CA LYS A 188 -4.48 -18.41 -31.86
C LYS A 188 -3.83 -17.09 -31.49
N VAL A 189 -4.59 -16.00 -31.62
CA VAL A 189 -4.02 -14.66 -31.43
C VAL A 189 -4.34 -14.03 -30.09
N TYR A 190 -3.30 -13.74 -29.32
CA TYR A 190 -3.44 -13.04 -28.04
C TYR A 190 -2.88 -11.64 -28.20
N ALA A 191 -3.70 -10.65 -27.81
CA ALA A 191 -3.35 -9.24 -27.99
C ALA A 191 -3.74 -8.38 -26.80
N CYS A 192 -2.89 -7.43 -26.42
CA CYS A 192 -3.35 -6.40 -25.52
C CYS A 192 -3.31 -5.04 -26.20
N GLU A 193 -4.34 -4.26 -25.92
CA GLU A 193 -4.56 -2.94 -26.51
C GLU A 193 -4.48 -1.84 -25.46
N VAL A 194 -3.56 -0.91 -25.67
CA VAL A 194 -3.27 0.09 -24.66
C VAL A 194 -3.64 1.51 -25.12
N THR A 195 -4.37 2.22 -24.26
CA THR A 195 -4.74 3.63 -24.46
C THR A 195 -4.13 4.51 -23.38
N HIS A 196 -3.69 5.71 -23.74
CA HIS A 196 -3.07 6.64 -22.77
C HIS A 196 -2.97 8.03 -23.36
N GLN A 197 -3.06 9.08 -22.52
CA GLN A 197 -2.82 10.46 -23.01
C GLN A 197 -1.65 10.67 -23.98
N GLY A 198 -0.60 9.89 -23.82
CA GLY A 198 0.60 10.10 -24.56
C GLY A 198 0.66 9.32 -25.86
N LEU A 199 -0.38 8.53 -26.15
CA LEU A 199 -0.42 7.72 -27.39
C LEU A 199 -1.41 8.37 -28.29
N SER A 200 -0.94 8.86 -29.44
CA SER A 200 -1.86 9.56 -30.34
C SER A 200 -3.11 8.69 -30.57
N SER A 201 -2.93 7.39 -30.77
CA SER A 201 -4.03 6.42 -30.88
C SER A 201 -3.65 5.11 -30.11
N PRO A 202 -4.59 4.17 -29.90
CA PRO A 202 -4.22 2.99 -29.09
C PRO A 202 -3.15 2.13 -29.75
N VAL A 203 -2.28 1.53 -28.92
CA VAL A 203 -1.22 0.63 -29.36
C VAL A 203 -1.57 -0.79 -29.00
N THR A 204 -1.39 -1.70 -29.96
CA THR A 204 -1.67 -3.12 -29.75
C THR A 204 -0.39 -3.94 -29.88
N LYS A 205 -0.14 -4.82 -28.92
CA LYS A 205 0.95 -5.80 -29.04
C LYS A 205 0.26 -7.15 -28.97
N SER A 206 0.73 -8.09 -29.79
CA SER A 206 0.05 -9.40 -29.93
C SER A 206 1.07 -10.49 -30.30
N PHE A 207 0.71 -11.76 -30.14
CA PHE A 207 1.47 -12.87 -30.69
C PHE A 207 0.48 -13.93 -31.11
N ASN A 208 0.96 -14.89 -31.91
CA ASN A 208 0.19 -16.07 -32.30
C ASN A 208 0.70 -17.32 -31.64
N ARG A 209 -0.17 -17.99 -30.89
CA ARG A 209 0.24 -19.08 -30.02
C ARG A 209 1.11 -20.08 -30.81
N GLU B 2 13.90 8.74 23.23
CA GLU B 2 12.85 8.59 22.23
C GLU B 2 11.89 7.47 22.61
N VAL B 3 10.64 7.84 22.89
CA VAL B 3 9.58 6.85 23.06
C VAL B 3 9.41 6.02 21.78
N GLN B 4 9.34 4.71 21.96
CA GLN B 4 9.27 3.75 20.88
C GLN B 4 8.19 2.74 21.17
N LEU B 5 7.34 2.44 20.18
CA LEU B 5 6.36 1.38 20.33
C LEU B 5 6.67 0.23 19.38
N LEU B 6 6.58 -1.01 19.87
CA LEU B 6 6.80 -2.16 18.98
C LEU B 6 5.67 -3.17 19.10
N GLU B 7 4.95 -3.37 18.00
CA GLU B 7 3.93 -4.41 17.91
C GLU B 7 4.60 -5.78 17.91
N SER B 8 3.97 -6.75 18.60
CA SER B 8 4.35 -8.16 18.55
C SER B 8 3.12 -9.09 18.54
N GLY B 9 3.28 -10.29 18.00
CA GLY B 9 2.20 -11.27 17.93
C GLY B 9 2.05 -11.91 16.55
N PRO B 10 1.47 -13.12 16.51
CA PRO B 10 1.26 -13.83 15.24
C PRO B 10 0.28 -13.14 14.29
N GLY B 11 0.61 -13.11 13.00
CA GLY B 11 -0.17 -12.35 12.05
C GLY B 11 -0.94 -13.15 11.03
N LEU B 12 -0.76 -14.47 11.03
CA LEU B 12 -1.45 -15.30 10.04
C LEU B 12 -2.61 -16.10 10.66
N LEU B 13 -3.85 -15.77 10.29
CA LEU B 13 -4.98 -16.42 10.94
C LEU B 13 -5.90 -16.92 9.85
N LYS B 14 -6.82 -17.81 10.20
CA LYS B 14 -7.88 -18.21 9.29
C LYS B 14 -9.16 -17.65 9.90
N PRO B 15 -10.23 -17.63 9.10
CA PRO B 15 -11.53 -17.08 9.52
C PRO B 15 -12.13 -17.89 10.67
N SER B 16 -12.75 -17.17 11.61
CA SER B 16 -13.31 -17.64 12.86
C SER B 16 -12.28 -17.60 13.98
N GLU B 17 -11.01 -17.39 13.65
CA GLU B 17 -9.98 -17.40 14.69
C GLU B 17 -9.84 -16.09 15.43
N THR B 18 -8.86 -16.04 16.33
CA THR B 18 -8.73 -14.86 17.21
C THR B 18 -7.37 -14.17 17.04
N LEU B 19 -7.39 -12.89 16.64
CA LEU B 19 -6.18 -12.09 16.57
C LEU B 19 -5.75 -11.66 17.95
N SER B 20 -4.45 -11.79 18.24
CA SER B 20 -3.91 -11.38 19.54
C SER B 20 -2.55 -10.67 19.38
N LEU B 21 -2.52 -9.37 19.65
CA LEU B 21 -1.30 -8.58 19.45
C LEU B 21 -0.99 -7.85 20.74
N THR B 22 0.31 -7.55 20.90
CA THR B 22 0.83 -6.76 22.00
C THR B 22 1.73 -5.59 21.56
N CYS B 23 1.56 -4.45 22.21
CA CYS B 23 2.41 -3.29 22.00
C CYS B 23 3.30 -3.09 23.23
N THR B 24 4.60 -2.93 23.00
CA THR B 24 5.52 -2.63 24.10
C THR B 24 6.06 -1.22 23.97
N VAL B 25 5.87 -0.44 25.02
CA VAL B 25 6.32 0.96 25.04
C VAL B 25 7.68 1.11 25.70
N SER B 26 8.62 1.73 24.99
CA SER B 26 9.96 2.00 25.52
C SER B 26 10.27 3.49 25.50
N GLY B 27 11.15 3.93 26.40
CA GLY B 27 11.61 5.30 26.41
C GLY B 27 10.66 6.33 26.98
N GLY B 28 9.60 5.87 27.64
CA GLY B 28 8.63 6.80 28.20
C GLY B 28 7.58 6.14 29.09
N SER B 29 6.85 6.95 29.85
CA SER B 29 5.81 6.42 30.75
C SER B 29 4.47 6.25 30.02
N MET B 30 3.54 5.50 30.63
CA MET B 30 2.20 5.29 30.03
C MET B 30 1.17 6.26 30.60
N ILE B 31 1.48 6.85 31.77
CA ILE B 31 0.60 7.81 32.37
C ILE B 31 0.44 9.09 31.54
N ASN B 32 -0.77 9.65 31.54
CA ASN B 32 -1.10 10.92 30.89
C ASN B 32 -1.20 10.84 29.35
N TYR B 33 -1.25 9.63 28.82
CA TYR B 33 -1.53 9.44 27.37
C TYR B 33 -2.58 8.36 27.31
N TYR B 34 -3.28 8.23 26.18
CA TYR B 34 -4.16 7.09 25.94
C TYR B 34 -3.46 6.17 24.95
N TRP B 35 -3.93 4.94 24.80
CA TRP B 35 -3.18 3.92 24.08
C TRP B 35 -4.12 3.20 23.12
N SER B 36 -3.83 3.31 21.81
CA SER B 36 -4.75 2.94 20.74
C SER B 36 -4.21 1.86 19.82
N TRP B 37 -5.15 1.14 19.23
CA TRP B 37 -4.84 0.24 18.14
C TRP B 37 -5.50 0.83 16.88
N ILE B 38 -4.76 0.82 15.76
CA ILE B 38 -5.23 1.39 14.48
C ILE B 38 -4.85 0.33 13.46
N ARG B 39 -5.61 0.24 12.39
CA ARG B 39 -5.22 -0.66 11.32
C ARG B 39 -5.44 -0.01 9.97
N GLN B 40 -4.76 -0.52 8.96
CA GLN B 40 -4.85 0.14 7.65
C GLN B 40 -4.84 -0.93 6.56
N PRO B 41 -6.00 -1.18 5.98
CA PRO B 41 -6.05 -2.25 4.96
C PRO B 41 -5.34 -1.74 3.74
N PRO B 42 -4.93 -2.66 2.83
CA PRO B 42 -4.15 -2.17 1.70
C PRO B 42 -4.96 -1.15 0.93
N GLY B 43 -4.31 -0.05 0.57
CA GLY B 43 -4.93 1.04 -0.16
C GLY B 43 -6.08 1.79 0.48
N GLU B 44 -6.23 1.68 1.80
CA GLU B 44 -7.26 2.45 2.49
C GLU B 44 -6.62 3.38 3.55
N ARG B 45 -7.37 4.33 4.06
CA ARG B 45 -6.94 5.21 5.13
C ARG B 45 -6.84 4.46 6.49
N PRO B 46 -6.17 5.04 7.49
CA PRO B 46 -6.09 4.31 8.78
C PRO B 46 -7.50 4.30 9.44
N GLN B 47 -7.77 3.22 10.16
CA GLN B 47 -9.03 3.06 10.89
C GLN B 47 -8.68 2.89 12.39
N TRP B 48 -9.27 3.74 13.21
CA TRP B 48 -9.03 3.68 14.67
C TRP B 48 -9.89 2.51 15.18
N LEU B 49 -9.27 1.60 15.96
CA LEU B 49 -9.95 0.42 16.45
C LEU B 49 -10.47 0.65 17.89
N GLY B 50 -9.66 1.30 18.71
CA GLY B 50 -10.06 1.57 20.09
C GLY B 50 -8.89 2.05 20.91
N HIS B 51 -9.12 2.37 22.18
CA HIS B 51 -8.00 2.78 23.02
C HIS B 51 -8.24 2.32 24.44
N ILE B 52 -7.20 2.41 25.24
CA ILE B 52 -7.33 2.20 26.67
C ILE B 52 -6.66 3.37 27.37
N ILE B 53 -7.15 3.69 28.55
CA ILE B 53 -6.61 4.77 29.36
C ILE B 53 -5.75 4.24 30.54
N TYR B 54 -5.00 5.13 31.18
CA TYR B 54 -4.01 4.66 32.14
C TYR B 54 -4.74 3.82 33.20
N GLY B 55 -5.93 4.29 33.58
CA GLY B 55 -6.78 3.61 34.54
C GLY B 55 -7.38 2.28 34.16
N GLY B 56 -7.30 1.89 32.88
CA GLY B 56 -7.86 0.62 32.48
C GLY B 56 -9.17 0.70 31.70
N THR B 57 -9.89 1.81 31.80
CA THR B 57 -11.10 1.98 30.98
C THR B 57 -10.82 2.00 29.47
N THR B 58 -11.68 1.32 28.70
CA THR B 58 -11.51 1.20 27.21
C THR B 58 -12.64 1.88 26.44
N LYS B 59 -12.38 2.08 25.15
CA LYS B 59 -13.40 2.57 24.25
C LYS B 59 -13.09 1.96 22.89
N TYR B 60 -14.12 1.46 22.26
CA TYR B 60 -13.96 0.74 20.99
C TYR B 60 -14.74 1.34 19.86
N ASN B 61 -14.26 1.08 18.66
CA ASN B 61 -14.97 1.50 17.46
C ASN B 61 -16.24 0.64 17.41
N PRO B 62 -17.40 1.26 17.32
CA PRO B 62 -18.66 0.51 17.40
C PRO B 62 -18.79 -0.59 16.32
N SER B 63 -18.03 -0.48 15.23
CA SER B 63 -18.11 -1.52 14.17
C SER B 63 -17.32 -2.77 14.56
N LEU B 64 -16.59 -2.69 15.67
CA LEU B 64 -15.87 -3.88 16.16
C LEU B 64 -16.33 -4.28 17.54
N GLU B 65 -17.27 -3.55 18.11
CA GLU B 65 -17.57 -3.67 19.54
C GLU B 65 -17.67 -5.11 20.04
N SER B 66 -18.40 -5.93 19.29
CA SER B 66 -18.70 -7.30 19.71
C SER B 66 -17.43 -8.15 19.89
N ARG B 67 -16.40 -7.87 19.10
CA ARG B 67 -15.29 -8.82 18.96
C ARG B 67 -13.97 -8.36 19.54
N ILE B 68 -13.89 -7.11 19.98
CA ILE B 68 -12.61 -6.54 20.37
C ILE B 68 -12.40 -6.42 21.90
N THR B 69 -11.16 -6.66 22.33
CA THR B 69 -10.78 -6.30 23.68
C THR B 69 -9.41 -5.66 23.65
N ILE B 70 -9.26 -4.58 24.41
CA ILE B 70 -7.94 -3.97 24.64
C ILE B 70 -7.66 -4.03 26.15
N SER B 71 -6.41 -4.35 26.52
CA SER B 71 -5.94 -4.39 27.89
C SER B 71 -4.57 -3.76 28.03
N ARG B 72 -4.15 -3.51 29.27
CA ARG B 72 -2.85 -2.89 29.48
C ARG B 72 -2.22 -3.45 30.75
N ASP B 73 -0.90 -3.57 30.72
CA ASP B 73 -0.17 -3.95 31.92
C ASP B 73 0.90 -2.89 32.19
N ILE B 74 0.65 -2.07 33.20
CA ILE B 74 1.50 -0.92 33.48
C ILE B 74 2.87 -1.42 33.93
N SER B 75 2.88 -2.37 34.84
CA SER B 75 4.13 -2.96 35.30
C SER B 75 4.97 -3.46 34.10
N LYS B 76 4.34 -3.93 33.04
CA LYS B 76 5.14 -4.45 31.92
C LYS B 76 5.24 -3.48 30.72
N ASN B 77 4.72 -2.27 30.88
CA ASN B 77 4.79 -1.22 29.85
C ASN B 77 4.21 -1.66 28.50
N GLN B 78 3.07 -2.35 28.55
CA GLN B 78 2.46 -2.95 27.37
C GLN B 78 0.96 -2.80 27.39
N PHE B 79 0.36 -2.88 26.21
CA PHE B 79 -1.08 -2.98 26.07
C PHE B 79 -1.40 -3.90 24.87
N SER B 80 -2.60 -4.45 24.82
CA SER B 80 -2.83 -5.54 23.89
C SER B 80 -4.17 -5.46 23.23
N LEU B 81 -4.23 -6.06 22.05
CA LEU B 81 -5.45 -6.19 21.27
C LEU B 81 -5.82 -7.68 21.14
N ARG B 82 -7.10 -7.98 21.30
CA ARG B 82 -7.67 -9.27 21.00
C ARG B 82 -8.86 -8.94 20.12
N LEU B 83 -8.92 -9.56 18.93
CA LEU B 83 -10.05 -9.42 18.02
C LEU B 83 -10.57 -10.83 17.63
N ASN B 84 -11.76 -11.17 18.14
CA ASN B 84 -12.38 -12.48 17.92
C ASN B 84 -13.05 -12.64 16.54
N SER B 85 -13.24 -13.89 16.12
CA SER B 85 -14.09 -14.19 14.98
C SER B 85 -13.66 -13.43 13.72
N VAL B 86 -12.38 -13.49 13.43
CA VAL B 86 -11.88 -12.77 12.27
C VAL B 86 -12.43 -13.26 10.92
N THR B 87 -12.51 -12.32 9.97
CA THR B 87 -12.75 -12.68 8.57
C THR B 87 -11.67 -12.13 7.69
N ALA B 88 -11.80 -12.43 6.42
CA ALA B 88 -10.85 -11.91 5.44
C ALA B 88 -10.83 -10.40 5.52
N ALA B 89 -11.97 -9.82 5.90
CA ALA B 89 -12.06 -8.36 5.95
C ALA B 89 -11.18 -7.75 7.07
N ASP B 90 -10.64 -8.56 8.01
CA ASP B 90 -9.78 -8.06 9.09
C ASP B 90 -8.30 -8.02 8.65
N THR B 91 -8.06 -8.48 7.44
CA THR B 91 -6.75 -8.29 6.80
C THR B 91 -6.32 -6.82 6.73
N ALA B 92 -5.13 -6.52 7.28
CA ALA B 92 -4.61 -5.13 7.35
C ALA B 92 -3.27 -5.10 8.07
N ILE B 93 -2.57 -3.96 7.93
CA ILE B 93 -1.42 -3.63 8.75
C ILE B 93 -1.93 -3.01 10.07
N TYR B 94 -1.61 -3.64 11.20
CA TYR B 94 -2.06 -3.13 12.50
C TYR B 94 -0.95 -2.29 13.17
N TYR B 95 -1.31 -1.11 13.68
CA TYR B 95 -0.38 -0.25 14.40
C TYR B 95 -0.82 0.00 15.85
N CYS B 96 0.08 -0.12 16.83
CA CYS B 96 -0.21 0.48 18.13
C CYS B 96 0.25 1.95 18.03
N ALA B 97 -0.44 2.86 18.71
CA ALA B 97 -0.08 4.28 18.73
C ALA B 97 -0.36 5.05 20.03
N ARG B 98 0.58 5.91 20.39
CA ARG B 98 0.34 6.83 21.50
C ARG B 98 -0.59 7.99 21.14
N VAL B 99 -1.51 8.28 22.05
CA VAL B 99 -2.44 9.37 21.89
C VAL B 99 -2.21 10.47 22.91
N ALA B 100 -1.79 11.62 22.40
CA ALA B 100 -1.69 12.81 23.21
C ALA B 100 -3.11 13.34 23.38
N ILE B 101 -3.59 13.38 24.63
CA ILE B 101 -4.94 13.92 24.93
C ILE B 101 -4.88 15.05 25.97
N GLY B 102 -6.00 15.77 26.09
CA GLY B 102 -6.07 17.00 26.89
C GLY B 102 -7.36 17.80 26.67
N VAL B 103 -7.59 18.78 27.55
CA VAL B 103 -8.79 19.59 27.50
C VAL B 103 -8.60 20.71 26.48
N SER B 104 -9.66 21.04 25.74
CA SER B 104 -9.56 22.06 24.70
C SER B 104 -10.51 23.23 24.99
N GLY B 105 -11.78 22.92 25.14
CA GLY B 105 -12.79 23.91 25.49
C GLY B 105 -13.43 23.63 26.83
N PHE B 106 -14.73 23.87 26.94
CA PHE B 106 -15.44 23.60 28.18
C PHE B 106 -15.61 22.10 28.32
N LEU B 107 -16.35 21.52 27.38
CA LEU B 107 -16.53 20.08 27.37
C LEU B 107 -15.95 19.53 26.07
N ASN B 108 -14.77 20.03 25.70
CA ASN B 108 -14.07 19.55 24.50
C ASN B 108 -12.67 19.02 24.79
N TYR B 109 -12.14 18.23 23.85
CA TYR B 109 -10.83 17.61 24.01
C TYR B 109 -10.03 17.63 22.69
N TYR B 110 -8.74 17.38 22.80
CA TYR B 110 -7.90 17.10 21.65
C TYR B 110 -7.34 15.68 21.71
N TYR B 111 -7.12 15.09 20.54
CA TYR B 111 -6.76 13.69 20.45
C TYR B 111 -5.85 13.54 19.23
N TYR B 112 -4.57 13.28 19.48
CA TYR B 112 -3.59 13.14 18.40
C TYR B 112 -2.74 11.90 18.61
N MET B 113 -2.64 11.10 17.56
CA MET B 113 -1.84 9.90 17.62
C MET B 113 -0.40 10.30 17.28
N ASP B 114 0.37 10.59 18.34
CA ASP B 114 1.60 11.32 18.19
C ASP B 114 2.83 10.42 18.10
N VAL B 115 2.74 9.21 18.62
CA VAL B 115 3.80 8.23 18.36
C VAL B 115 3.24 6.92 17.84
N TRP B 116 3.67 6.55 16.63
CA TRP B 116 3.22 5.31 16.03
C TRP B 116 4.28 4.22 16.17
N GLY B 117 3.84 2.99 16.38
CA GLY B 117 4.70 1.86 16.19
C GLY B 117 4.97 1.58 14.70
N SER B 118 5.59 0.44 14.43
CA SER B 118 6.11 0.12 13.10
C SER B 118 5.08 -0.55 12.18
N GLY B 119 4.11 -1.24 12.78
CA GLY B 119 3.07 -1.95 12.05
C GLY B 119 3.35 -3.45 11.96
N THR B 120 2.30 -4.26 11.94
CA THR B 120 2.45 -5.70 11.76
C THR B 120 1.40 -6.15 10.76
N ALA B 121 1.83 -6.86 9.72
CA ALA B 121 0.92 -7.29 8.67
C ALA B 121 0.07 -8.47 9.14
N VAL B 122 -1.24 -8.28 9.21
CA VAL B 122 -2.12 -9.39 9.54
C VAL B 122 -2.89 -9.85 8.30
N THR B 123 -2.77 -11.12 7.98
CA THR B 123 -3.57 -11.76 6.95
C THR B 123 -4.60 -12.74 7.52
N VAL B 124 -5.88 -12.57 7.15
CA VAL B 124 -6.90 -13.58 7.50
C VAL B 124 -7.38 -14.25 6.19
N SER B 125 -7.22 -15.56 6.07
CA SER B 125 -7.57 -16.19 4.79
C SER B 125 -7.76 -17.68 5.02
N SER B 126 -8.61 -18.33 4.23
CA SER B 126 -8.75 -19.79 4.28
C SER B 126 -7.59 -20.48 3.58
N ALA B 127 -6.86 -19.72 2.75
CA ALA B 127 -5.74 -20.28 2.01
C ALA B 127 -4.67 -20.83 2.94
N SER B 128 -3.85 -21.75 2.43
CA SER B 128 -2.74 -22.33 3.17
C SER B 128 -1.39 -21.93 2.60
N THR B 129 -0.43 -21.74 3.51
CA THR B 129 0.92 -21.33 3.11
C THR B 129 1.48 -22.17 1.96
N LYS B 130 2.04 -21.51 0.94
CA LYS B 130 2.66 -22.16 -0.20
C LYS B 130 3.69 -21.28 -0.88
N GLY B 131 4.79 -21.88 -1.33
CA GLY B 131 5.86 -21.12 -1.95
C GLY B 131 5.54 -20.96 -3.42
N PRO B 132 6.05 -19.90 -4.06
CA PRO B 132 5.73 -19.60 -5.47
C PRO B 132 6.35 -20.52 -6.52
N SER B 133 5.76 -20.57 -7.72
CA SER B 133 6.42 -21.04 -8.94
C SER B 133 6.93 -19.81 -9.70
N VAL B 134 8.14 -19.88 -10.29
CA VAL B 134 8.74 -18.71 -10.98
C VAL B 134 8.96 -19.02 -12.45
N PHE B 135 8.22 -18.32 -13.31
CA PHE B 135 8.29 -18.52 -14.75
C PHE B 135 8.96 -17.35 -15.45
N PRO B 136 9.71 -17.64 -16.54
CA PRO B 136 10.33 -16.56 -17.32
C PRO B 136 9.33 -15.75 -18.09
N LEU B 137 9.55 -14.44 -18.15
CA LEU B 137 8.91 -13.61 -19.13
C LEU B 137 10.02 -13.30 -20.13
N ALA B 138 10.12 -14.10 -21.19
CA ALA B 138 11.31 -14.05 -22.06
C ALA B 138 11.27 -12.83 -22.96
N PRO B 139 12.44 -12.21 -23.24
CA PRO B 139 12.51 -11.05 -24.15
C PRO B 139 11.99 -11.43 -25.54
N SER B 140 11.23 -10.53 -26.16
CA SER B 140 10.65 -10.79 -27.47
C SER B 140 11.74 -10.93 -28.54
N SER B 141 11.55 -11.91 -29.44
CA SER B 141 12.45 -12.11 -30.58
C SER B 141 12.36 -10.98 -31.61
N LYS B 142 11.27 -10.21 -31.54
CA LYS B 142 11.08 -9.09 -32.46
C LYS B 142 12.10 -7.97 -32.23
N GLY B 147 16.53 -1.41 -30.19
CA GLY B 147 16.97 -0.52 -29.11
C GLY B 147 16.87 -1.09 -27.69
N THR B 148 15.66 -1.05 -27.12
CA THR B 148 15.41 -1.55 -25.74
C THR B 148 14.44 -2.75 -25.67
N ALA B 149 14.80 -3.75 -24.87
CA ALA B 149 13.98 -4.96 -24.71
C ALA B 149 13.53 -5.12 -23.27
N ALA B 150 12.39 -5.80 -23.09
CA ALA B 150 11.92 -6.04 -21.75
C ALA B 150 11.89 -7.52 -21.46
N LEU B 151 12.18 -7.87 -20.21
CA LEU B 151 12.11 -9.28 -19.83
C LEU B 151 11.75 -9.32 -18.36
N GLY B 152 11.54 -10.50 -17.80
CA GLY B 152 11.03 -10.51 -16.45
C GLY B 152 10.86 -11.89 -15.90
N CYS B 153 10.27 -11.95 -14.69
CA CYS B 153 9.90 -13.17 -14.01
C CYS B 153 8.47 -13.07 -13.47
N LEU B 154 7.67 -14.11 -13.69
CA LEU B 154 6.33 -14.18 -13.13
C LEU B 154 6.41 -15.02 -11.87
N VAL B 155 6.02 -14.44 -10.73
CA VAL B 155 6.20 -15.15 -9.44
C VAL B 155 4.78 -15.55 -8.95
N LYS B 156 4.40 -16.80 -9.12
CA LYS B 156 2.95 -17.09 -9.15
C LYS B 156 2.53 -18.06 -8.04
N ASP B 157 1.35 -17.82 -7.49
CA ASP B 157 0.74 -18.83 -6.61
C ASP B 157 1.47 -19.02 -5.27
N TYR B 158 1.67 -17.91 -4.57
CA TYR B 158 2.27 -18.05 -3.25
C TYR B 158 1.33 -17.51 -2.19
N PHE B 159 1.57 -17.92 -0.95
CA PHE B 159 0.82 -17.44 0.19
C PHE B 159 1.56 -17.73 1.50
N PRO B 160 1.56 -16.78 2.46
CA PRO B 160 1.06 -15.40 2.35
C PRO B 160 2.08 -14.46 1.70
N GLU B 161 1.77 -13.16 1.69
CA GLU B 161 2.77 -12.14 1.37
C GLU B 161 3.80 -12.16 2.48
N PRO B 162 5.02 -11.73 2.15
CA PRO B 162 5.56 -11.13 0.93
C PRO B 162 6.52 -12.07 0.23
N VAL B 163 6.91 -11.74 -1.00
CA VAL B 163 8.14 -12.34 -1.57
C VAL B 163 9.12 -11.19 -1.83
N THR B 164 10.41 -11.50 -1.98
CA THR B 164 11.33 -10.51 -2.56
C THR B 164 11.89 -10.97 -3.90
N VAL B 165 12.16 -10.02 -4.80
CA VAL B 165 12.75 -10.33 -6.08
C VAL B 165 13.95 -9.42 -6.30
N SER B 166 15.09 -10.01 -6.65
CA SER B 166 16.23 -9.21 -7.13
C SER B 166 16.66 -9.74 -8.50
N TRP B 167 17.47 -8.94 -9.21
CA TRP B 167 18.06 -9.36 -10.50
C TRP B 167 19.58 -9.43 -10.37
N ASN B 168 20.15 -10.54 -10.84
CA ASN B 168 21.59 -10.81 -10.77
C ASN B 168 22.17 -10.47 -9.38
N SER B 169 21.60 -11.08 -8.33
CA SER B 169 22.02 -10.89 -6.93
C SER B 169 21.87 -9.43 -6.45
N GLY B 170 21.14 -8.59 -7.16
CA GLY B 170 20.95 -7.22 -6.72
C GLY B 170 21.90 -6.27 -7.44
N ALA B 171 22.78 -6.84 -8.27
CA ALA B 171 23.66 -6.02 -9.08
C ALA B 171 22.91 -5.27 -10.19
N LEU B 172 21.77 -5.80 -10.61
CA LEU B 172 21.01 -5.14 -11.67
C LEU B 172 19.79 -4.50 -10.99
N THR B 173 19.76 -3.16 -11.01
CA THR B 173 18.72 -2.38 -10.41
C THR B 173 18.10 -1.38 -11.38
N SER B 174 18.92 -0.85 -12.26
CA SER B 174 18.44 0.11 -13.23
C SER B 174 17.36 -0.51 -14.15
N GLY B 175 16.21 0.15 -14.26
CA GLY B 175 15.18 -0.26 -15.20
C GLY B 175 14.32 -1.40 -14.66
N VAL B 176 14.60 -1.82 -13.42
CA VAL B 176 13.79 -2.85 -12.76
C VAL B 176 12.46 -2.32 -12.19
N HIS B 177 11.36 -3.00 -12.44
CA HIS B 177 10.09 -2.72 -11.80
C HIS B 177 9.51 -4.02 -11.22
N THR B 178 9.26 -4.03 -9.92
CA THR B 178 8.64 -5.19 -9.30
C THR B 178 7.24 -4.77 -8.83
N PHE B 179 6.23 -5.36 -9.41
CA PHE B 179 4.88 -4.90 -9.20
C PHE B 179 4.35 -5.33 -7.85
N PRO B 180 3.40 -4.58 -7.32
CA PRO B 180 2.64 -5.05 -6.14
C PRO B 180 1.94 -6.38 -6.39
N ALA B 181 1.86 -7.23 -5.37
CA ALA B 181 1.14 -8.49 -5.54
C ALA B 181 -0.36 -8.27 -5.70
N VAL B 182 -0.99 -9.10 -6.49
CA VAL B 182 -2.44 -9.14 -6.52
C VAL B 182 -2.92 -10.46 -5.93
N LEU B 183 -4.05 -10.40 -5.24
CA LEU B 183 -4.68 -11.60 -4.68
C LEU B 183 -5.58 -12.24 -5.75
N GLN B 184 -5.32 -13.49 -6.09
CA GLN B 184 -6.09 -14.16 -7.12
C GLN B 184 -7.39 -14.72 -6.57
N SER B 185 -8.32 -15.05 -7.46
CA SER B 185 -9.58 -15.63 -7.03
C SER B 185 -9.32 -16.90 -6.23
N SER B 186 -8.13 -17.47 -6.37
CA SER B 186 -7.81 -18.76 -5.75
C SER B 186 -7.45 -18.60 -4.29
N GLY B 187 -7.13 -17.37 -3.91
CA GLY B 187 -6.63 -17.08 -2.57
C GLY B 187 -5.11 -17.02 -2.47
N LEU B 188 -4.42 -17.37 -3.55
CA LEU B 188 -2.96 -17.19 -3.62
C LEU B 188 -2.58 -15.86 -4.36
N TYR B 189 -1.39 -15.37 -4.03
CA TYR B 189 -0.88 -14.14 -4.62
C TYR B 189 -0.07 -14.40 -5.86
N SER B 190 0.10 -13.35 -6.66
CA SER B 190 0.97 -13.43 -7.81
C SER B 190 1.54 -12.05 -8.09
N LEU B 191 2.76 -12.02 -8.59
CA LEU B 191 3.33 -10.74 -9.04
C LEU B 191 4.33 -10.95 -10.11
N SER B 192 4.60 -9.89 -10.85
CA SER B 192 5.66 -9.99 -11.82
C SER B 192 6.76 -8.97 -11.51
N SER B 193 7.98 -9.32 -11.92
CA SER B 193 9.12 -8.40 -11.88
C SER B 193 9.72 -8.33 -13.27
N VAL B 194 9.90 -7.12 -13.80
CA VAL B 194 10.42 -6.95 -15.15
C VAL B 194 11.65 -6.02 -15.13
N VAL B 195 12.44 -6.11 -16.19
CA VAL B 195 13.52 -5.16 -16.40
C VAL B 195 13.65 -4.79 -17.87
N THR B 196 14.00 -3.55 -18.17
CA THR B 196 14.31 -3.24 -19.59
C THR B 196 15.80 -3.17 -19.72
N VAL B 197 16.29 -3.64 -20.87
CA VAL B 197 17.73 -3.66 -21.13
C VAL B 197 17.98 -3.43 -22.61
N PRO B 198 19.25 -3.23 -22.96
CA PRO B 198 19.60 -3.06 -24.37
C PRO B 198 19.28 -4.34 -25.13
N SER B 199 18.58 -4.23 -26.25
CA SER B 199 18.45 -5.37 -27.16
C SER B 199 19.78 -6.05 -27.46
N SER B 200 20.84 -5.25 -27.62
CA SER B 200 22.16 -5.79 -27.96
C SER B 200 22.68 -6.85 -26.96
N SER B 201 22.28 -6.73 -25.71
CA SER B 201 22.82 -7.58 -24.64
C SER B 201 22.25 -9.01 -24.63
N LEU B 202 21.07 -9.20 -25.22
CA LEU B 202 20.35 -10.47 -25.07
C LEU B 202 21.16 -11.69 -25.49
N GLY B 203 22.17 -11.50 -26.33
CA GLY B 203 23.02 -12.62 -26.69
C GLY B 203 24.07 -12.89 -25.63
N THR B 204 24.69 -11.83 -25.13
CA THR B 204 25.86 -11.97 -24.27
C THR B 204 25.57 -11.87 -22.76
N GLN B 205 24.64 -11.00 -22.37
CA GLN B 205 24.43 -10.75 -20.95
C GLN B 205 23.44 -11.73 -20.31
N THR B 206 23.82 -12.33 -19.18
CA THR B 206 22.93 -13.21 -18.43
C THR B 206 21.98 -12.40 -17.56
N TYR B 207 20.69 -12.78 -17.53
CA TYR B 207 19.73 -12.13 -16.64
C TYR B 207 19.06 -13.20 -15.79
N ILE B 208 19.19 -13.07 -14.48
CA ILE B 208 18.65 -14.07 -13.54
C ILE B 208 17.86 -13.32 -12.49
N CYS B 209 16.60 -13.73 -12.26
CA CYS B 209 15.78 -13.16 -11.15
C CYS B 209 15.96 -14.07 -9.95
N ASN B 210 16.20 -13.48 -8.77
CA ASN B 210 16.34 -14.25 -7.53
C ASN B 210 15.08 -14.02 -6.69
N VAL B 211 14.33 -15.07 -6.44
CA VAL B 211 13.07 -14.90 -5.73
C VAL B 211 13.14 -15.58 -4.36
N ASN B 212 12.73 -14.86 -3.32
CA ASN B 212 12.66 -15.41 -1.95
C ASN B 212 11.30 -15.31 -1.27
N HIS B 213 10.84 -16.42 -0.70
CA HIS B 213 9.57 -16.44 0.04
C HIS B 213 9.86 -17.11 1.37
N LYS B 214 9.92 -16.31 2.42
CA LYS B 214 10.30 -16.80 3.75
C LYS B 214 9.23 -17.62 4.47
N PRO B 215 7.95 -17.25 4.33
CA PRO B 215 6.91 -18.08 4.96
C PRO B 215 6.97 -19.53 4.52
N SER B 216 7.69 -19.83 3.43
CA SER B 216 7.83 -21.20 2.97
C SER B 216 9.31 -21.61 2.83
N ASN B 217 10.21 -20.74 3.28
CA ASN B 217 11.64 -21.02 3.19
C ASN B 217 12.08 -21.36 1.75
N THR B 218 11.38 -20.80 0.77
CA THR B 218 11.62 -21.01 -0.68
C THR B 218 12.51 -19.92 -1.30
N LYS B 219 13.52 -20.37 -2.04
CA LYS B 219 14.53 -19.49 -2.63
C LYS B 219 14.93 -20.00 -4.03
N VAL B 220 14.53 -19.26 -5.06
CA VAL B 220 14.64 -19.75 -6.43
C VAL B 220 15.40 -18.77 -7.34
N ASP B 221 16.30 -19.28 -8.20
CA ASP B 221 16.97 -18.41 -9.18
C ASP B 221 16.47 -18.85 -10.57
N LYS B 222 15.98 -17.90 -11.37
CA LYS B 222 15.48 -18.28 -12.68
C LYS B 222 16.21 -17.53 -13.78
N LYS B 223 16.86 -18.28 -14.67
CA LYS B 223 17.53 -17.62 -15.77
C LYS B 223 16.50 -17.32 -16.85
N VAL B 224 16.48 -16.09 -17.30
CA VAL B 224 15.52 -15.65 -18.31
C VAL B 224 16.25 -15.43 -19.65
N GLU B 225 15.89 -16.25 -20.64
CA GLU B 225 16.58 -16.27 -21.92
C GLU B 225 15.62 -16.07 -23.08
N PRO B 226 16.10 -15.50 -24.19
CA PRO B 226 15.28 -15.30 -25.40
C PRO B 226 14.63 -16.60 -25.87
N TRP C 1 -7.92 12.97 33.05
CA TRP C 1 -8.03 12.10 31.88
C TRP C 1 -7.57 10.67 32.17
N ASN C 2 -6.80 10.47 33.25
CA ASN C 2 -6.18 9.18 33.47
C ASN C 2 -7.13 8.09 33.98
N TRP C 3 -8.24 8.47 34.57
CA TRP C 3 -9.15 7.53 35.24
C TRP C 3 -10.54 7.52 34.65
N PHE C 4 -10.95 8.61 34.00
CA PHE C 4 -12.25 8.75 33.37
C PHE C 4 -12.00 9.26 31.94
N ASP C 5 -12.62 8.60 30.97
CA ASP C 5 -12.37 8.85 29.53
C ASP C 5 -12.77 10.25 29.07
N ILE C 6 -11.78 11.08 28.80
CA ILE C 6 -11.99 12.43 28.32
C ILE C 6 -12.77 12.56 26.99
N THR C 7 -12.93 11.44 26.26
CA THR C 7 -13.62 11.48 24.96
C THR C 7 -15.10 11.05 25.06
N ASN C 8 -15.60 10.81 26.28
CA ASN C 8 -17.05 10.69 26.51
C ASN C 8 -17.75 12.04 26.63
N LYS C 9 -19.09 11.99 26.60
CA LYS C 9 -19.92 13.20 26.67
C LYS C 9 -20.50 13.46 28.06
#